data_3OBT
#
_entry.id   3OBT
#
_cell.length_a   60.232
_cell.length_b   90.044
_cell.length_c   93.518
_cell.angle_alpha   90.00
_cell.angle_beta   90.00
_cell.angle_gamma   90.00
#
_symmetry.space_group_name_H-M   'P 21 21 21'
#
loop_
_entity.id
_entity.type
_entity.pdbx_description
1 polymer 'Botulinum neurotoxin type D'
2 non-polymer 'N-acetyl-beta-neuraminic acid'
3 non-polymer GLYCEROL
4 water water
#
_entity_poly.entity_id   1
_entity_poly.type   'polypeptide(L)'
_entity_poly.pdbx_seq_one_letter_code
;MRGSAMASINDSKILSLQNKKNALVDTSGYNAEVRVGDNVQLNTIYTNDFKLSSSGDKIIVNLNNNILYSAIYENSSVSF
WIKISKDLTNSHNEYTIINSIEQNSGWKLCIRNGNIEWILQDVNRKYKSLIFDYSESLSHTGYTNKWFFVTITNNIMGYM
KLYINGELKQSQKIEDLDEVKLDKTIVFGIDENIDENQMLWIRDFNIFSKELSNEDINIVYEGQILRNVIKDYWGNPLKF
DTEYYIINDNYIDRYIAPESNVLVLVQYPDRSKLYTGNPITIKSVSDKNPYSRILNGDNIILHMLYNSRKYMIIRDTDTI
YATQGGECSQNCVYALKLQSNLGNYGIGIFSIKNIVSKNKYCSQIFSSFRENTMLLADIYKPWRFSFKNAYTPVAVTNYE
TKLLSTSSFWKFISRDPGWVEPPTPGWSHPQFEK
;
_entity_poly.pdbx_strand_id   A
#
# COMPACT_ATOMS: atom_id res chain seq x y z
N SER A 4 -20.70 20.80 -2.48
CA SER A 4 -19.88 19.57 -2.60
C SER A 4 -18.45 19.85 -2.05
N ALA A 5 -18.12 19.12 -0.97
CA ALA A 5 -16.81 19.21 -0.30
C ALA A 5 -15.72 18.86 -1.32
N MET A 6 -15.92 17.75 -2.04
CA MET A 6 -14.96 17.24 -3.03
C MET A 6 -14.65 18.26 -4.17
N ALA A 7 -15.66 19.06 -4.55
CA ALA A 7 -15.46 20.17 -5.49
C ALA A 7 -14.70 21.32 -4.83
N SER A 8 -15.14 21.75 -3.66
CA SER A 8 -14.38 22.72 -2.88
C SER A 8 -12.86 22.30 -2.73
N ILE A 9 -12.65 20.99 -2.52
CA ILE A 9 -11.32 20.40 -2.34
C ILE A 9 -10.54 20.59 -3.61
N ASN A 10 -11.07 20.12 -4.71
CA ASN A 10 -10.44 20.18 -6.04
C ASN A 10 -10.25 21.56 -6.57
N ASP A 11 -11.19 22.47 -6.31
CA ASP A 11 -11.02 23.85 -6.70
C ASP A 11 -9.84 24.53 -6.04
N SER A 12 -9.43 24.06 -4.85
CA SER A 12 -8.32 24.70 -4.17
C SER A 12 -6.94 24.13 -4.66
N LYS A 13 -6.92 23.14 -5.60
CA LYS A 13 -5.57 22.61 -6.02
C LYS A 13 -4.80 23.65 -6.83
N ILE A 14 -3.58 23.97 -6.42
CA ILE A 14 -2.75 24.95 -7.17
C ILE A 14 -1.51 24.26 -7.76
N LEU A 15 -1.38 22.95 -7.46
CA LEU A 15 -0.40 22.08 -8.16
C LEU A 15 -0.90 20.67 -8.10
N SER A 16 -0.82 19.95 -9.23
CA SER A 16 -1.22 18.57 -9.22
C SER A 16 -0.37 17.80 -10.24
N LEU A 17 0.58 16.99 -9.75
CA LEU A 17 1.47 16.26 -10.63
C LEU A 17 0.80 15.00 -11.04
N GLN A 18 0.50 14.92 -12.34
CA GLN A 18 -0.15 13.74 -12.87
C GLN A 18 0.46 13.35 -14.19
N ASN A 19 0.40 12.06 -14.50
CA ASN A 19 1.02 11.56 -15.71
C ASN A 19 0.01 11.66 -16.86
N LYS A 20 0.38 12.44 -17.87
CA LYS A 20 -0.45 12.64 -19.09
C LYS A 20 0.44 12.35 -20.28
N LYS A 21 -0.01 11.38 -21.11
CA LYS A 21 0.75 10.98 -22.31
C LYS A 21 2.20 10.78 -21.94
N ASN A 22 2.39 9.99 -20.88
CA ASN A 22 3.71 9.56 -20.46
C ASN A 22 4.66 10.66 -20.03
N ALA A 23 4.15 11.83 -19.69
CA ALA A 23 4.96 12.81 -19.08
C ALA A 23 4.31 13.19 -17.75
N LEU A 24 5.13 13.54 -16.77
CA LEU A 24 4.62 14.08 -15.52
C LEU A 24 4.44 15.57 -15.67
N VAL A 25 3.22 16.04 -15.50
CA VAL A 25 2.94 17.46 -15.71
C VAL A 25 2.00 18.02 -14.62
N ASP A 26 1.84 19.33 -14.58
CA ASP A 26 0.93 19.94 -13.63
C ASP A 26 -0.42 19.98 -14.34
N THR A 27 -1.45 19.35 -13.77
CA THR A 27 -2.79 19.41 -14.39
C THR A 27 -3.73 20.26 -13.53
N SER A 28 -3.18 21.08 -12.62
CA SER A 28 -4.01 21.95 -11.83
C SER A 28 -4.65 23.14 -12.65
N GLY A 29 -4.03 23.50 -13.78
CA GLY A 29 -4.46 24.63 -14.65
C GLY A 29 -3.47 25.75 -14.55
N TYR A 30 -2.61 25.72 -13.50
CA TYR A 30 -1.59 26.77 -13.28
C TYR A 30 -0.24 26.64 -13.94
N ASN A 31 -0.03 25.57 -14.70
CA ASN A 31 1.08 25.50 -15.59
C ASN A 31 2.45 25.57 -14.91
N ALA A 32 2.64 24.91 -13.76
CA ALA A 32 4.01 24.91 -13.18
C ALA A 32 4.84 24.20 -14.23
N GLU A 33 6.11 24.63 -14.37
CA GLU A 33 7.08 23.86 -15.17
C GLU A 33 7.51 22.58 -14.40
N VAL A 34 7.51 21.43 -15.03
CA VAL A 34 7.91 20.17 -14.38
C VAL A 34 9.01 19.55 -15.20
N ARG A 35 10.22 19.56 -14.65
CA ARG A 35 11.43 18.97 -15.31
C ARG A 35 11.82 17.65 -14.65
N VAL A 36 11.57 16.57 -15.36
CA VAL A 36 11.73 15.25 -14.85
C VAL A 36 13.07 14.70 -15.35
N GLY A 37 13.94 14.27 -14.43
CA GLY A 37 15.19 13.64 -14.80
C GLY A 37 15.00 12.48 -15.77
N ASP A 38 15.92 12.36 -16.72
CA ASP A 38 15.81 11.34 -17.76
C ASP A 38 15.63 9.93 -17.22
N ASN A 39 16.31 9.63 -16.11
CA ASN A 39 16.27 8.28 -15.55
C ASN A 39 15.15 8.03 -14.56
N VAL A 40 14.39 9.07 -14.23
CA VAL A 40 13.27 8.93 -13.29
C VAL A 40 12.15 8.10 -13.92
N GLN A 41 11.75 7.03 -13.24
CA GLN A 41 10.72 6.15 -13.74
C GLN A 41 9.34 6.62 -13.34
N LEU A 42 8.46 6.78 -14.33
CA LEU A 42 7.11 7.23 -14.07
C LEU A 42 6.10 6.11 -14.31
N ASN A 43 4.98 6.18 -13.61
CA ASN A 43 3.86 5.29 -13.88
C ASN A 43 4.26 3.82 -13.90
N THR A 44 4.86 3.34 -12.82
CA THR A 44 5.29 1.96 -12.73
C THR A 44 4.36 1.11 -11.86
N ILE A 45 3.75 1.74 -10.86
CA ILE A 45 2.80 1.06 -10.00
C ILE A 45 1.44 1.76 -10.07
N TYR A 46 1.46 3.07 -9.83
CA TYR A 46 0.26 3.88 -9.94
C TYR A 46 0.45 4.93 -11.03
N THR A 47 -0.63 5.25 -11.72
CA THR A 47 -0.57 6.19 -12.83
C THR A 47 0.29 7.42 -12.53
N ASN A 48 0.03 8.08 -11.40
CA ASN A 48 0.71 9.31 -11.10
C ASN A 48 1.92 9.13 -10.15
N ASP A 49 2.61 8.01 -10.25
CA ASP A 49 3.74 7.84 -9.37
C ASP A 49 5.06 8.17 -10.09
N PHE A 50 6.09 8.35 -9.27
CA PHE A 50 7.47 8.46 -9.73
C PHE A 50 8.42 7.79 -8.73
N LYS A 51 9.51 7.23 -9.24
CA LYS A 51 10.49 6.54 -8.43
C LYS A 51 11.78 7.36 -8.32
N LEU A 52 12.23 7.63 -7.09
CA LEU A 52 13.51 8.29 -6.81
C LEU A 52 14.41 7.10 -6.33
N SER A 53 15.25 6.57 -7.22
CA SER A 53 15.94 5.28 -7.02
C SER A 53 17.43 5.38 -6.91
N SER A 54 17.90 6.60 -6.71
CA SER A 54 19.30 6.91 -6.88
C SER A 54 19.47 8.33 -6.41
N SER A 55 20.71 8.76 -6.28
CA SER A 55 21.00 10.19 -6.21
C SER A 55 21.13 10.53 -7.68
N GLY A 56 20.88 11.79 -8.04
CA GLY A 56 20.81 12.13 -9.44
C GLY A 56 19.37 12.14 -9.94
N ASP A 57 18.59 11.13 -9.59
CA ASP A 57 17.17 11.15 -9.91
C ASP A 57 16.60 12.41 -9.30
N LYS A 58 16.06 13.30 -10.13
CA LYS A 58 15.48 14.53 -9.64
C LYS A 58 14.23 14.91 -10.44
N ILE A 59 13.28 15.54 -9.76
CA ILE A 59 12.22 16.23 -10.46
C ILE A 59 12.22 17.66 -9.95
N ILE A 60 12.26 18.61 -10.88
CA ILE A 60 12.30 20.01 -10.48
C ILE A 60 11.01 20.69 -10.92
N VAL A 61 10.32 21.25 -9.94
CA VAL A 61 9.08 21.91 -10.23
C VAL A 61 9.29 23.40 -10.03
N ASN A 62 8.95 24.18 -11.05
CA ASN A 62 9.05 25.63 -10.88
C ASN A 62 7.67 26.20 -10.94
N LEU A 63 7.22 26.70 -9.81
CA LEU A 63 5.89 27.25 -9.76
C LEU A 63 5.77 28.56 -10.51
N ASN A 64 4.59 28.75 -11.09
CA ASN A 64 4.26 29.94 -11.84
C ASN A 64 4.04 31.13 -10.92
N ASN A 65 4.08 32.32 -11.51
CA ASN A 65 4.14 33.60 -10.77
C ASN A 65 3.16 33.81 -9.61
N ASN A 66 1.96 33.24 -9.72
CA ASN A 66 1.11 33.13 -8.54
C ASN A 66 1.56 32.00 -7.58
N SER A 70 6.88 36.62 -2.72
CA SER A 70 8.14 36.47 -1.99
C SER A 70 8.00 35.48 -0.85
N ALA A 71 7.07 35.79 0.07
CA ALA A 71 6.83 35.07 1.34
C ALA A 71 5.41 34.45 1.43
N ILE A 72 5.20 33.48 2.34
CA ILE A 72 3.86 32.84 2.50
C ILE A 72 2.81 33.92 2.82
N TYR A 73 1.72 33.88 2.08
CA TYR A 73 0.66 34.85 2.27
C TYR A 73 -0.62 34.15 2.71
N GLU A 74 -0.63 32.82 2.68
CA GLU A 74 -1.87 32.09 2.93
C GLU A 74 -1.69 30.63 3.34
N ASN A 75 -2.73 30.13 4.02
CA ASN A 75 -2.94 28.70 4.29
C ASN A 75 -2.75 27.78 3.12
N SER A 76 -2.52 26.49 3.39
CA SER A 76 -2.12 25.63 2.31
C SER A 76 -2.03 24.21 2.82
N SER A 77 -2.07 23.28 1.88
CA SER A 77 -1.96 21.88 2.25
C SER A 77 -1.16 21.16 1.20
N VAL A 78 -0.49 20.08 1.63
CA VAL A 78 0.32 19.35 0.66
C VAL A 78 -0.07 17.87 0.91
N SER A 79 -0.36 17.14 -0.15
CA SER A 79 -0.72 15.75 0.09
C SER A 79 -0.02 14.90 -0.98
N PHE A 80 0.33 13.67 -0.65
CA PHE A 80 0.97 12.74 -1.59
C PHE A 80 0.98 11.39 -0.87
N TRP A 81 1.20 10.32 -1.64
CA TRP A 81 1.49 9.03 -1.01
C TRP A 81 2.96 8.76 -1.15
N ILE A 82 3.48 7.92 -0.28
CA ILE A 82 4.93 7.64 -0.34
C ILE A 82 5.15 6.18 0.09
N LYS A 83 6.23 5.56 -0.41
CA LYS A 83 6.50 4.18 -0.14
C LYS A 83 8.04 4.12 -0.07
N ILE A 84 8.62 3.66 1.03
CA ILE A 84 10.09 3.87 1.19
C ILE A 84 10.76 2.49 1.40
N SER A 85 11.74 2.17 0.61
CA SER A 85 12.23 0.80 0.59
C SER A 85 12.79 0.45 1.97
N LYS A 86 12.93 -0.87 2.19
CA LYS A 86 13.43 -1.37 3.44
C LYS A 86 14.86 -0.81 3.69
N ASP A 87 15.72 -0.90 2.70
CA ASP A 87 17.18 -0.58 2.89
C ASP A 87 17.30 0.94 3.11
N LEU A 88 16.41 1.72 2.48
CA LEU A 88 16.39 3.17 2.85
C LEU A 88 15.83 3.48 4.25
N THR A 89 14.80 2.74 4.66
CA THR A 89 14.19 2.93 5.93
C THR A 89 15.18 2.54 7.08
N ASN A 90 15.97 1.49 6.86
CA ASN A 90 16.92 0.98 7.88
C ASN A 90 18.20 1.79 8.03
N SER A 91 18.38 2.82 7.23
CA SER A 91 19.53 3.68 7.36
C SER A 91 19.30 4.60 8.55
N HIS A 92 20.35 4.81 9.33
CA HIS A 92 20.32 5.81 10.42
C HIS A 92 20.60 7.25 9.94
N ASN A 93 21.00 7.43 8.69
CA ASN A 93 21.21 8.79 8.19
C ASN A 93 19.92 9.57 7.95
N GLU A 94 20.11 10.86 7.67
CA GLU A 94 19.02 11.74 7.30
C GLU A 94 19.15 12.07 5.78
N TYR A 95 18.03 12.14 5.08
CA TYR A 95 18.07 12.45 3.67
C TYR A 95 16.99 13.49 3.40
N THR A 96 17.31 14.54 2.69
CA THR A 96 16.28 15.40 2.17
C THR A 96 15.67 14.74 0.97
N ILE A 97 14.34 14.70 0.95
CA ILE A 97 13.58 14.06 -0.15
C ILE A 97 12.85 15.09 -1.04
N ILE A 98 12.20 16.06 -0.40
CA ILE A 98 11.60 17.12 -1.12
C ILE A 98 12.11 18.41 -0.55
N ASN A 99 12.64 19.30 -1.41
CA ASN A 99 13.29 20.51 -0.92
C ASN A 99 12.68 21.76 -1.52
N SER A 100 12.16 22.63 -0.68
CA SER A 100 11.63 23.90 -1.16
C SER A 100 12.04 25.04 -0.19
N ILE A 101 13.32 25.03 0.14
CA ILE A 101 13.98 26.10 0.90
C ILE A 101 14.92 26.86 -0.03
N GLU A 102 14.82 28.19 0.05
CA GLU A 102 15.64 29.14 -0.71
C GLU A 102 16.02 30.19 0.34
N GLN A 103 17.25 30.66 0.27
CA GLN A 103 17.82 31.41 1.39
C GLN A 103 17.81 30.34 2.47
N ASN A 104 17.28 30.73 3.62
CA ASN A 104 17.09 29.72 4.63
C ASN A 104 15.66 29.57 5.07
N SER A 105 14.69 30.00 4.26
CA SER A 105 13.28 29.75 4.63
C SER A 105 12.51 28.88 3.61
N GLY A 106 11.42 28.28 4.03
CA GLY A 106 10.60 27.44 3.14
C GLY A 106 10.31 26.15 3.91
N TRP A 107 10.06 25.06 3.18
CA TRP A 107 9.79 23.75 3.75
C TRP A 107 10.60 22.65 3.09
N LYS A 108 10.65 21.49 3.77
CA LYS A 108 11.31 20.29 3.20
C LYS A 108 10.81 19.05 3.86
N LEU A 109 10.86 17.94 3.14
CA LEU A 109 10.48 16.67 3.74
C LEU A 109 11.77 15.82 3.76
N CYS A 110 12.07 15.23 4.91
CA CYS A 110 13.28 14.45 5.17
C CYS A 110 12.82 13.09 5.63
N ILE A 111 13.71 12.11 5.40
CA ILE A 111 13.61 10.80 6.04
C ILE A 111 14.85 10.67 6.95
N ARG A 112 14.67 10.09 8.12
CA ARG A 112 15.80 9.91 9.06
C ARG A 112 15.46 8.75 9.94
N ASN A 113 16.28 7.71 9.82
CA ASN A 113 16.17 6.58 10.68
C ASN A 113 14.75 6.04 10.76
N GLY A 114 14.08 5.79 9.63
CA GLY A 114 12.74 5.22 9.73
C GLY A 114 11.63 6.22 10.11
N ASN A 115 11.90 7.51 10.07
CA ASN A 115 10.92 8.54 10.36
C ASN A 115 10.84 9.43 9.13
N ILE A 116 9.65 9.99 8.86
CA ILE A 116 9.55 11.07 7.90
C ILE A 116 9.39 12.33 8.68
N GLU A 117 9.89 13.41 8.12
CA GLU A 117 9.91 14.61 8.87
C GLU A 117 9.68 15.79 7.97
N TRP A 118 8.67 16.60 8.33
CA TRP A 118 8.38 17.81 7.60
C TRP A 118 8.91 19.02 8.40
N ILE A 119 9.58 19.92 7.74
CA ILE A 119 10.13 21.02 8.45
C ILE A 119 9.66 22.31 7.78
N LEU A 120 9.26 23.31 8.57
CA LEU A 120 8.93 24.66 8.02
C LEU A 120 9.86 25.65 8.76
N GLN A 121 10.53 26.54 8.03
CA GLN A 121 11.66 27.32 8.54
C GLN A 121 11.49 28.76 8.09
N ASP A 122 11.58 29.70 9.04
CA ASP A 122 11.38 31.10 8.71
C ASP A 122 12.70 31.80 8.37
N VAL A 123 12.61 33.10 8.10
CA VAL A 123 13.78 33.86 7.65
C VAL A 123 14.92 33.98 8.64
N ASN A 124 14.70 33.65 9.90
CA ASN A 124 15.77 33.66 10.88
C ASN A 124 16.26 32.27 11.11
N ARG A 125 15.68 31.32 10.37
CA ARG A 125 15.98 29.90 10.54
C ARG A 125 15.36 29.34 11.82
N LYS A 126 14.39 30.02 12.41
CA LYS A 126 13.60 29.37 13.41
C LYS A 126 12.77 28.30 12.65
N TYR A 127 12.61 27.09 13.17
CA TYR A 127 11.77 26.11 12.41
C TYR A 127 10.93 25.29 13.34
N LYS A 128 9.89 24.69 12.78
CA LYS A 128 9.04 23.74 13.44
C LYS A 128 9.05 22.43 12.65
N SER A 129 9.01 21.29 13.34
CA SER A 129 9.04 20.06 12.60
C SER A 129 7.86 19.17 12.99
N LEU A 130 7.39 18.36 12.04
CA LEU A 130 6.44 17.29 12.27
C LEU A 130 7.14 15.98 11.91
N ILE A 131 7.12 15.03 12.84
CA ILE A 131 7.84 13.75 12.69
C ILE A 131 6.87 12.60 12.82
N PHE A 132 7.00 11.57 11.96
CA PHE A 132 6.22 10.37 12.11
C PHE A 132 7.14 9.19 11.90
N ASP A 133 7.09 8.28 12.88
CA ASP A 133 7.82 7.05 12.81
C ASP A 133 7.02 6.08 12.02
N TYR A 134 7.26 5.97 10.71
CA TYR A 134 6.44 5.07 9.86
C TYR A 134 7.01 3.65 9.97
N SER A 135 8.27 3.54 10.41
CA SER A 135 8.96 2.25 10.48
C SER A 135 8.52 1.33 11.62
N GLU A 136 8.46 1.89 12.82
CA GLU A 136 8.16 1.10 14.01
C GLU A 136 9.19 -0.03 14.12
N SER A 137 10.46 0.34 13.93
CA SER A 137 11.58 -0.58 14.03
C SER A 137 11.44 -1.79 13.10
N LEU A 138 10.99 -1.51 11.89
CA LEU A 138 10.80 -2.54 10.86
C LEU A 138 9.75 -3.57 11.20
N SER A 139 8.82 -3.24 12.07
CA SER A 139 7.76 -4.18 12.35
C SER A 139 7.08 -4.50 11.02
N HIS A 140 6.89 -5.78 10.75
CA HIS A 140 6.15 -6.20 9.58
C HIS A 140 4.75 -5.54 9.83
N THR A 141 4.59 -4.87 10.99
CA THR A 141 3.35 -4.17 11.37
C THR A 141 3.35 -2.67 11.02
N GLY A 142 4.53 -2.13 10.73
CA GLY A 142 4.68 -0.73 10.38
C GLY A 142 4.47 -0.47 8.90
N TYR A 143 5.08 0.59 8.38
CA TYR A 143 4.89 0.97 6.99
C TYR A 143 6.14 0.85 6.11
N THR A 144 7.11 0.06 6.55
CA THR A 144 8.32 -0.12 5.76
C THR A 144 7.98 -0.67 4.38
N ASN A 145 8.30 0.10 3.34
CA ASN A 145 8.00 -0.24 1.96
C ASN A 145 6.50 -0.37 1.64
N LYS A 146 5.67 0.27 2.44
CA LYS A 146 4.23 0.26 2.17
C LYS A 146 3.78 1.66 1.78
N TRP A 147 2.88 1.76 0.80
CA TRP A 147 2.32 3.05 0.45
C TRP A 147 1.54 3.59 1.64
N PHE A 148 1.84 4.82 2.05
CA PHE A 148 0.98 5.53 2.99
C PHE A 148 0.73 6.96 2.54
N PHE A 149 -0.39 7.52 2.97
CA PHE A 149 -0.84 8.83 2.54
C PHE A 149 -0.47 9.88 3.54
N VAL A 150 0.30 10.84 3.08
CA VAL A 150 0.74 11.94 3.91
C VAL A 150 -0.10 13.16 3.60
N THR A 151 -0.44 13.92 4.63
CA THR A 151 -1.03 15.24 4.45
C THR A 151 -0.48 16.22 5.47
N ILE A 152 0.01 17.35 4.96
CA ILE A 152 0.43 18.46 5.80
C ILE A 152 -0.55 19.58 5.58
N THR A 153 -1.09 20.14 6.64
CA THR A 153 -1.91 21.34 6.49
C THR A 153 -1.31 22.50 7.27
N ASN A 154 -1.45 23.70 6.73
CA ASN A 154 -0.88 24.89 7.33
C ASN A 154 -1.89 26.00 7.49
N ASN A 155 -2.05 26.46 8.73
CA ASN A 155 -2.77 27.68 8.99
C ASN A 155 -1.75 28.67 9.50
N ILE A 156 -1.49 29.72 8.73
CA ILE A 156 -0.40 30.60 9.08
C ILE A 156 -0.69 31.42 10.35
N MET A 157 -1.95 31.42 10.78
CA MET A 157 -2.29 32.07 12.07
C MET A 157 -2.75 30.97 12.99
N GLY A 158 -2.10 29.82 12.88
CA GLY A 158 -2.46 28.68 13.71
C GLY A 158 -1.43 27.57 13.70
N TYR A 159 -1.87 26.38 13.31
CA TYR A 159 -1.03 25.20 13.41
C TYR A 159 -0.65 24.59 12.07
N MET A 160 0.46 23.87 12.08
CA MET A 160 0.85 23.00 10.99
C MET A 160 0.56 21.58 11.47
N LYS A 161 -0.12 20.80 10.65
CA LYS A 161 -0.55 19.48 11.08
C LYS A 161 -0.08 18.37 10.13
N LEU A 162 0.30 17.23 10.72
CA LEU A 162 0.70 16.07 9.93
C LEU A 162 -0.32 14.94 10.09
N TYR A 163 -0.91 14.53 8.98
CA TYR A 163 -1.83 13.39 8.98
C TYR A 163 -1.19 12.21 8.26
N ILE A 164 -1.53 11.01 8.71
CA ILE A 164 -1.11 9.80 8.02
C ILE A 164 -2.36 8.96 7.76
N ASN A 165 -2.64 8.68 6.50
CA ASN A 165 -3.83 7.92 6.16
C ASN A 165 -5.08 8.53 6.79
N GLY A 166 -5.16 9.85 6.79
CA GLY A 166 -6.33 10.56 7.29
C GLY A 166 -6.40 10.74 8.79
N GLU A 167 -5.36 10.28 9.51
CA GLU A 167 -5.34 10.40 10.96
C GLU A 167 -4.28 11.40 11.43
N LEU A 168 -4.72 12.42 12.16
CA LEU A 168 -3.82 13.43 12.70
C LEU A 168 -2.77 12.79 13.60
N LYS A 169 -1.50 13.09 13.34
CA LYS A 169 -0.40 12.49 14.10
C LYS A 169 0.35 13.51 14.98
N GLN A 170 0.55 14.72 14.47
CA GLN A 170 1.24 15.76 15.23
C GLN A 170 0.80 17.15 14.77
N SER A 171 0.84 18.09 15.71
CA SER A 171 0.53 19.47 15.40
C SER A 171 1.60 20.35 16.01
N GLN A 172 1.91 21.46 15.34
CA GLN A 172 2.89 22.41 15.83
C GLN A 172 2.40 23.80 15.50
N LYS A 173 2.48 24.71 16.46
CA LYS A 173 2.10 26.09 16.17
C LYS A 173 3.14 26.70 15.25
N ILE A 174 2.68 27.39 14.21
CA ILE A 174 3.57 28.08 13.30
C ILE A 174 3.26 29.58 13.29
N GLU A 175 2.16 29.94 13.93
CA GLU A 175 1.73 31.33 14.06
C GLU A 175 2.89 32.19 14.66
N ASP A 176 3.77 31.58 15.47
CA ASP A 176 4.85 32.30 16.16
C ASP A 176 6.16 32.37 15.36
N LEU A 177 6.22 31.77 14.17
CA LEU A 177 7.34 31.99 13.28
C LEU A 177 7.28 33.36 12.66
N ASP A 178 8.44 33.91 12.30
CA ASP A 178 8.44 35.15 11.56
C ASP A 178 8.12 34.80 10.12
N GLU A 179 8.41 35.72 9.20
CA GLU A 179 8.10 35.52 7.79
C GLU A 179 8.74 34.25 7.24
N VAL A 180 7.91 33.41 6.62
CA VAL A 180 8.41 32.24 5.90
C VAL A 180 8.33 32.54 4.41
N LYS A 181 9.49 32.74 3.78
CA LYS A 181 9.51 33.02 2.35
C LYS A 181 9.15 31.77 1.55
N LEU A 182 8.40 31.98 0.46
CA LEU A 182 7.89 30.86 -0.32
C LEU A 182 8.73 30.60 -1.57
N ASP A 183 9.35 29.42 -1.61
CA ASP A 183 10.17 29.00 -2.74
C ASP A 183 9.30 28.70 -3.97
N LYS A 184 9.64 29.32 -5.09
CA LYS A 184 8.94 29.05 -6.34
C LYS A 184 9.39 27.72 -6.92
N THR A 185 10.45 27.15 -6.33
CA THR A 185 11.01 25.90 -6.81
C THR A 185 10.85 24.75 -5.81
N ILE A 186 10.41 23.60 -6.30
CA ILE A 186 10.31 22.39 -5.49
C ILE A 186 11.19 21.31 -6.14
N VAL A 187 12.15 20.78 -5.39
CA VAL A 187 13.04 19.73 -5.91
C VAL A 187 12.79 18.40 -5.21
N PHE A 188 12.37 17.41 -5.99
CA PHE A 188 12.23 16.03 -5.50
C PHE A 188 13.51 15.30 -5.84
N GLY A 189 14.10 14.63 -4.86
CA GLY A 189 15.31 13.86 -5.10
C GLY A 189 16.25 13.78 -3.92
N ILE A 190 17.02 12.71 -3.86
CA ILE A 190 17.98 12.51 -2.79
C ILE A 190 19.38 12.90 -3.25
N ASP A 191 19.98 13.86 -2.56
CA ASP A 191 21.31 14.35 -2.92
C ASP A 191 22.42 13.46 -2.36
N GLU A 192 22.12 12.78 -1.26
CA GLU A 192 23.11 11.92 -0.60
C GLU A 192 23.50 10.71 -1.46
N ASN A 193 24.61 10.08 -1.11
CA ASN A 193 25.15 8.96 -1.87
C ASN A 193 24.52 7.62 -1.46
N ILE A 194 23.36 7.31 -2.03
CA ILE A 194 22.62 6.11 -1.64
C ILE A 194 23.04 4.87 -2.41
N ASP A 195 22.76 3.70 -1.82
CA ASP A 195 23.11 2.43 -2.44
C ASP A 195 21.95 1.88 -3.29
N GLU A 196 22.21 0.75 -3.95
CA GLU A 196 21.31 0.19 -4.97
C GLU A 196 19.88 -0.08 -4.51
N ASN A 197 19.73 -0.54 -3.26
CA ASN A 197 18.42 -0.93 -2.77
C ASN A 197 17.70 0.20 -2.01
N GLN A 198 18.30 1.37 -1.99
CA GLN A 198 17.71 2.52 -1.33
C GLN A 198 16.93 3.37 -2.34
N MET A 199 15.60 3.31 -2.24
CA MET A 199 14.73 3.97 -3.18
C MET A 199 13.38 4.25 -2.53
N LEU A 200 12.62 5.16 -3.11
CA LEU A 200 11.27 5.45 -2.65
C LEU A 200 10.41 5.87 -3.82
N TRP A 201 9.10 5.78 -3.64
CA TRP A 201 8.15 6.19 -4.69
C TRP A 201 7.23 7.20 -4.07
N ILE A 202 6.70 8.09 -4.91
CA ILE A 202 5.71 9.06 -4.44
C ILE A 202 4.59 9.02 -5.45
N ARG A 203 3.33 9.19 -5.04
CA ARG A 203 2.33 9.35 -6.13
C ARG A 203 1.33 10.42 -5.66
N ASP A 204 0.62 10.98 -6.62
CA ASP A 204 -0.46 11.95 -6.40
C ASP A 204 -0.06 13.15 -5.60
N PHE A 205 1.04 13.79 -5.99
CA PHE A 205 1.51 14.91 -5.24
C PHE A 205 0.67 16.16 -5.57
N ASN A 206 0.13 16.79 -4.54
CA ASN A 206 -0.77 17.93 -4.73
C ASN A 206 -0.47 18.98 -3.71
N ILE A 207 -0.67 20.26 -4.11
CA ILE A 207 -0.68 21.35 -3.16
C ILE A 207 -2.04 22.09 -3.28
N PHE A 208 -2.59 22.46 -2.15
CA PHE A 208 -3.93 23.12 -2.11
C PHE A 208 -3.71 24.51 -1.53
N SER A 209 -4.52 25.48 -1.96
CA SER A 209 -4.42 26.85 -1.41
C SER A 209 -5.30 27.02 -0.17
N LYS A 210 -5.57 25.96 0.57
CA LYS A 210 -6.29 26.10 1.86
C LYS A 210 -5.83 25.03 2.80
N GLU A 211 -6.24 25.16 4.06
CA GLU A 211 -5.99 24.20 5.09
C GLU A 211 -7.09 23.21 4.99
N LEU A 212 -6.79 21.99 4.56
CA LEU A 212 -7.82 20.96 4.49
C LEU A 212 -8.24 20.48 5.88
N SER A 213 -9.54 20.23 6.01
CA SER A 213 -10.12 19.76 7.23
C SER A 213 -9.86 18.28 7.29
N ASN A 214 -9.88 17.70 8.47
CA ASN A 214 -9.78 16.27 8.57
C ASN A 214 -10.77 15.51 7.67
N GLU A 215 -11.98 16.06 7.54
CA GLU A 215 -12.98 15.49 6.65
C GLU A 215 -12.53 15.56 5.22
N ASP A 216 -12.06 16.71 4.80
CA ASP A 216 -11.56 16.88 3.44
C ASP A 216 -10.42 15.84 3.18
N ILE A 217 -9.55 15.68 4.16
CA ILE A 217 -8.40 14.78 4.03
C ILE A 217 -8.81 13.36 3.81
N ASN A 218 -9.82 12.95 4.58
CA ASN A 218 -10.40 11.63 4.37
C ASN A 218 -11.06 11.42 3.05
N ILE A 219 -11.61 12.48 2.47
CA ILE A 219 -12.20 12.30 1.12
C ILE A 219 -11.07 12.12 0.09
N VAL A 220 -9.99 12.88 0.25
CA VAL A 220 -8.87 12.75 -0.70
C VAL A 220 -8.28 11.33 -0.56
N TYR A 221 -8.15 10.89 0.69
CA TYR A 221 -7.50 9.60 0.98
C TYR A 221 -8.34 8.47 0.34
N GLU A 222 -9.64 8.53 0.58
CA GLU A 222 -10.54 7.47 0.09
C GLU A 222 -10.59 7.51 -1.40
N GLY A 223 -10.55 8.71 -2.00
CA GLY A 223 -10.54 8.85 -3.43
C GLY A 223 -9.28 8.26 -4.08
N GLN A 224 -8.11 8.46 -3.48
CA GLN A 224 -6.87 8.08 -4.14
C GLN A 224 -6.40 6.69 -3.75
N ILE A 225 -7.04 6.09 -2.73
CA ILE A 225 -6.67 4.71 -2.40
C ILE A 225 -7.16 3.73 -3.46
N LEU A 226 -8.19 4.13 -4.23
CA LEU A 226 -8.74 3.25 -5.30
C LEU A 226 -9.45 2.10 -4.65
N ARG A 227 -10.60 2.41 -4.08
CA ARG A 227 -11.33 1.46 -3.27
C ARG A 227 -11.79 0.21 -3.96
N ASN A 228 -11.91 0.23 -5.27
N ASN A 228 -11.91 0.23 -5.27
CA ASN A 228 -12.30 -0.98 -5.93
CA ASN A 228 -12.30 -0.98 -5.93
C ASN A 228 -11.12 -1.83 -6.45
C ASN A 228 -11.12 -1.83 -6.45
N VAL A 229 -9.90 -1.43 -6.14
CA VAL A 229 -8.73 -2.17 -6.64
C VAL A 229 -8.21 -2.97 -5.43
N ILE A 230 -8.08 -4.29 -5.57
CA ILE A 230 -7.53 -5.08 -4.47
C ILE A 230 -6.05 -4.71 -4.35
N LYS A 231 -5.53 -4.73 -3.13
CA LYS A 231 -4.14 -4.31 -2.88
C LYS A 231 -3.25 -5.49 -2.48
N ASP A 232 -1.97 -5.45 -2.85
CA ASP A 232 -1.03 -6.43 -2.33
C ASP A 232 -0.56 -5.89 -0.95
N TYR A 233 0.34 -6.61 -0.29
CA TYR A 233 0.82 -6.33 1.07
C TYR A 233 1.40 -4.93 1.22
N TRP A 234 2.00 -4.43 0.14
CA TRP A 234 2.68 -3.15 0.15
C TRP A 234 1.74 -1.99 -0.16
N GLY A 235 0.50 -2.32 -0.52
CA GLY A 235 -0.42 -1.30 -0.99
C GLY A 235 -0.38 -1.07 -2.49
N ASN A 236 0.38 -1.88 -3.25
CA ASN A 236 0.34 -1.82 -4.71
C ASN A 236 -0.95 -2.48 -5.20
N PRO A 237 -1.40 -2.18 -6.41
CA PRO A 237 -2.53 -2.94 -6.96
C PRO A 237 -2.18 -4.42 -7.05
N LEU A 238 -3.13 -5.26 -6.64
CA LEU A 238 -2.98 -6.70 -6.82
C LEU A 238 -3.18 -7.02 -8.29
N LYS A 239 -2.37 -7.92 -8.83
CA LYS A 239 -2.46 -8.23 -10.27
C LYS A 239 -2.58 -9.70 -10.55
N PHE A 240 -3.23 -10.04 -11.67
CA PHE A 240 -3.21 -11.41 -12.14
C PHE A 240 -1.79 -11.79 -12.62
N ASP A 241 -1.54 -13.09 -12.67
CA ASP A 241 -0.31 -13.67 -13.32
C ASP A 241 0.95 -13.22 -12.61
N THR A 242 0.81 -12.94 -11.34
CA THR A 242 1.88 -12.44 -10.47
C THR A 242 2.00 -13.36 -9.28
N GLU A 243 3.23 -13.77 -8.92
CA GLU A 243 3.48 -14.58 -7.72
C GLU A 243 3.24 -13.82 -6.38
N TYR A 244 2.47 -14.41 -5.47
CA TYR A 244 2.28 -13.81 -4.18
C TYR A 244 2.52 -14.90 -3.14
N TYR A 245 3.09 -14.48 -2.02
CA TYR A 245 3.02 -15.30 -0.81
C TYR A 245 1.80 -14.87 -0.04
N ILE A 246 0.83 -15.77 0.08
CA ILE A 246 -0.44 -15.41 0.70
C ILE A 246 -0.45 -15.80 2.14
N ILE A 247 -0.77 -14.83 3.01
CA ILE A 247 -0.75 -15.10 4.42
C ILE A 247 -2.06 -14.69 5.05
N ASN A 248 -2.38 -15.33 6.17
CA ASN A 248 -3.54 -14.97 6.93
C ASN A 248 -3.18 -13.94 7.97
N ASP A 249 -4.07 -12.96 8.19
CA ASP A 249 -3.80 -11.86 9.11
C ASP A 249 -3.54 -12.35 10.54
N ASN A 250 -4.17 -13.47 10.94
CA ASN A 250 -3.92 -14.02 12.26
C ASN A 250 -2.66 -14.81 12.39
N TYR A 251 -2.02 -15.15 11.28
CA TYR A 251 -0.87 -16.07 11.30
C TYR A 251 0.18 -15.58 10.37
N ILE A 252 0.70 -14.39 10.65
CA ILE A 252 1.53 -13.76 9.63
C ILE A 252 2.87 -14.38 9.46
N ASP A 253 3.33 -15.21 10.41
CA ASP A 253 4.59 -15.90 10.17
C ASP A 253 4.34 -17.35 9.79
N ARG A 254 3.24 -17.62 9.05
CA ARG A 254 2.95 -18.97 8.58
C ARG A 254 2.73 -18.93 7.07
N TYR A 255 3.26 -19.90 6.35
CA TYR A 255 2.97 -19.99 4.96
C TYR A 255 2.07 -21.16 4.61
N ILE A 256 1.38 -21.02 3.49
CA ILE A 256 0.44 -22.05 3.04
C ILE A 256 1.19 -23.15 2.32
N ALA A 257 0.86 -24.39 2.67
CA ALA A 257 1.54 -25.52 2.07
C ALA A 257 0.61 -26.76 2.15
N PRO A 258 0.71 -27.66 1.18
CA PRO A 258 -0.09 -28.91 1.22
C PRO A 258 0.67 -29.97 2.09
N GLU A 259 -0.05 -30.59 3.02
CA GLU A 259 0.50 -31.71 3.79
C GLU A 259 -0.50 -32.81 3.60
N SER A 260 -0.08 -33.87 2.90
CA SER A 260 -0.95 -34.98 2.47
C SER A 260 -2.14 -34.37 1.71
N ASN A 261 -1.85 -33.41 0.86
CA ASN A 261 -2.87 -32.80 0.01
C ASN A 261 -4.00 -32.14 0.77
N VAL A 262 -3.66 -31.55 1.89
CA VAL A 262 -4.58 -30.71 2.62
C VAL A 262 -3.76 -29.42 2.86
N LEU A 263 -4.31 -28.25 2.51
CA LEU A 263 -3.52 -27.04 2.71
C LEU A 263 -3.58 -26.71 4.18
N VAL A 264 -2.41 -26.37 4.71
CA VAL A 264 -2.31 -25.95 6.16
C VAL A 264 -1.28 -24.80 6.22
N LEU A 265 -1.23 -24.14 7.38
CA LEU A 265 -0.29 -23.04 7.61
C LEU A 265 0.90 -23.49 8.44
N VAL A 266 2.08 -23.30 7.87
CA VAL A 266 3.33 -23.74 8.48
C VAL A 266 4.18 -22.58 8.89
N GLN A 267 4.66 -22.65 10.13
CA GLN A 267 5.45 -21.57 10.67
C GLN A 267 6.74 -21.37 9.90
N TYR A 268 6.97 -20.12 9.49
CA TYR A 268 8.23 -19.72 8.90
C TYR A 268 9.35 -20.21 9.79
N PRO A 269 10.40 -20.80 9.22
CA PRO A 269 11.58 -21.12 10.02
C PRO A 269 12.21 -19.84 10.55
N ASP A 270 12.02 -18.75 9.82
CA ASP A 270 12.61 -17.45 10.17
C ASP A 270 11.64 -16.30 9.93
N ARG A 271 11.08 -15.77 11.01
CA ARG A 271 10.06 -14.73 10.93
C ARG A 271 10.50 -13.47 10.20
N SER A 272 11.81 -13.28 10.06
CA SER A 272 12.34 -12.07 9.43
C SER A 272 12.29 -12.09 7.90
N LYS A 273 12.15 -13.29 7.34
CA LYS A 273 12.09 -13.44 5.88
C LYS A 273 10.65 -13.51 5.39
N LEU A 274 10.24 -12.52 4.60
CA LEU A 274 8.88 -12.44 4.09
C LEU A 274 8.59 -13.42 2.96
N TYR A 275 9.55 -13.57 2.05
CA TYR A 275 9.38 -14.40 0.86
C TYR A 275 9.62 -15.90 1.12
N THR A 276 8.75 -16.50 1.94
CA THR A 276 8.86 -17.91 2.32
C THR A 276 7.59 -18.65 1.97
N GLY A 277 7.75 -19.82 1.38
CA GLY A 277 6.61 -20.68 1.10
C GLY A 277 6.45 -21.02 -0.37
N ASN A 278 5.19 -21.24 -0.75
CA ASN A 278 4.85 -21.65 -2.10
C ASN A 278 4.07 -20.57 -2.83
N PRO A 279 4.75 -19.90 -3.75
CA PRO A 279 4.14 -18.78 -4.48
C PRO A 279 2.84 -19.18 -5.15
N ILE A 280 1.81 -18.35 -4.97
CA ILE A 280 0.53 -18.58 -5.59
C ILE A 280 0.25 -17.50 -6.64
N THR A 281 -0.11 -17.93 -7.84
CA THR A 281 -0.41 -17.02 -8.93
C THR A 281 -1.91 -16.94 -9.15
N ILE A 282 -2.42 -15.73 -9.34
CA ILE A 282 -3.85 -15.52 -9.49
C ILE A 282 -4.22 -15.42 -10.96
N LYS A 283 -5.15 -16.27 -11.38
CA LYS A 283 -5.56 -16.33 -12.77
C LYS A 283 -6.97 -15.79 -12.94
N SER A 284 -7.18 -15.09 -14.06
CA SER A 284 -8.50 -14.57 -14.36
C SER A 284 -9.38 -15.66 -14.94
N VAL A 285 -10.62 -15.73 -14.45
CA VAL A 285 -11.60 -16.61 -15.05
C VAL A 285 -11.97 -16.01 -16.39
N SER A 286 -12.46 -14.77 -16.35
CA SER A 286 -12.67 -14.00 -17.57
C SER A 286 -11.28 -13.70 -18.08
N ASP A 287 -11.02 -13.89 -19.37
CA ASP A 287 -9.65 -13.63 -19.78
C ASP A 287 -9.36 -12.16 -20.05
N LYS A 288 -8.65 -11.58 -19.10
CA LYS A 288 -8.24 -10.18 -19.15
C LYS A 288 -6.82 -10.15 -19.68
N ASN A 289 -6.31 -8.94 -19.94
CA ASN A 289 -4.94 -8.79 -20.34
C ASN A 289 -4.04 -9.32 -19.23
N PRO A 290 -2.97 -9.99 -19.60
CA PRO A 290 -2.01 -10.50 -18.61
C PRO A 290 -1.63 -9.40 -17.62
N TYR A 291 -1.47 -9.75 -16.36
CA TYR A 291 -0.99 -8.80 -15.35
C TYR A 291 -1.92 -7.65 -15.04
N SER A 292 -3.14 -7.74 -15.56
CA SER A 292 -4.10 -6.69 -15.32
C SER A 292 -4.50 -6.70 -13.84
N ARG A 293 -4.97 -5.55 -13.37
CA ARG A 293 -5.34 -5.39 -11.97
C ARG A 293 -6.51 -6.27 -11.58
N ILE A 294 -6.50 -6.76 -10.35
CA ILE A 294 -7.61 -7.54 -9.82
C ILE A 294 -8.54 -6.54 -9.09
N LEU A 295 -9.84 -6.58 -9.40
CA LEU A 295 -10.81 -5.65 -8.82
C LEU A 295 -11.75 -6.30 -7.80
N ASN A 296 -12.32 -5.48 -6.92
CA ASN A 296 -13.25 -5.92 -5.89
C ASN A 296 -14.38 -6.68 -6.53
N GLY A 297 -14.62 -7.88 -5.98
CA GLY A 297 -15.62 -8.75 -6.61
C GLY A 297 -15.17 -9.59 -7.80
N ASP A 298 -13.94 -9.47 -8.33
CA ASP A 298 -13.54 -10.33 -9.49
C ASP A 298 -13.61 -11.81 -9.14
N ASN A 299 -13.92 -12.67 -10.11
CA ASN A 299 -13.79 -14.12 -9.88
C ASN A 299 -12.30 -14.42 -10.12
N ILE A 300 -11.71 -15.33 -9.32
CA ILE A 300 -10.27 -15.63 -9.57
C ILE A 300 -10.01 -17.13 -9.40
N ILE A 301 -8.88 -17.59 -9.94
CA ILE A 301 -8.47 -18.98 -9.75
C ILE A 301 -7.06 -18.87 -9.17
N LEU A 302 -6.71 -19.77 -8.24
CA LEU A 302 -5.43 -19.72 -7.56
C LEU A 302 -4.56 -20.90 -7.98
N HIS A 303 -3.38 -20.61 -8.50
CA HIS A 303 -2.41 -21.67 -8.87
C HIS A 303 -1.23 -21.62 -7.86
N MET A 304 -0.95 -22.76 -7.22
CA MET A 304 0.22 -22.88 -6.34
C MET A 304 1.37 -23.55 -7.08
N LEU A 305 2.55 -23.00 -6.94
CA LEU A 305 3.77 -23.69 -7.35
C LEU A 305 4.30 -24.41 -6.12
N TYR A 306 4.32 -25.73 -6.21
CA TYR A 306 4.72 -26.59 -5.12
C TYR A 306 5.73 -27.61 -5.66
N ASN A 307 6.97 -27.59 -5.13
CA ASN A 307 8.08 -28.44 -5.65
C ASN A 307 8.15 -28.43 -7.19
N SER A 308 8.17 -27.22 -7.76
CA SER A 308 8.31 -27.03 -9.22
C SER A 308 7.18 -27.47 -10.10
N ARG A 309 6.01 -27.83 -9.57
CA ARG A 309 4.84 -28.08 -10.45
C ARG A 309 3.66 -27.16 -10.05
N LYS A 310 2.79 -26.89 -11.00
CA LYS A 310 1.64 -25.97 -10.86
C LYS A 310 0.44 -26.80 -10.44
N TYR A 311 -0.32 -26.33 -9.46
CA TYR A 311 -1.57 -27.01 -9.09
C TYR A 311 -2.65 -25.95 -8.97
N MET A 312 -3.89 -26.35 -9.18
CA MET A 312 -5.00 -25.45 -8.89
C MET A 312 -5.50 -25.68 -7.46
N ILE A 313 -5.71 -24.60 -6.71
CA ILE A 313 -6.28 -24.75 -5.39
C ILE A 313 -7.78 -24.89 -5.52
N ILE A 314 -8.33 -25.94 -4.93
CA ILE A 314 -9.77 -26.16 -4.99
C ILE A 314 -10.33 -26.42 -3.60
N ARG A 315 -11.61 -26.10 -3.43
CA ARG A 315 -12.29 -26.37 -2.17
C ARG A 315 -12.54 -27.87 -2.06
N ASP A 316 -12.61 -28.36 -0.84
CA ASP A 316 -12.91 -29.78 -0.62
C ASP A 316 -14.35 -30.05 -1.02
N THR A 317 -14.61 -31.25 -1.51
CA THR A 317 -15.96 -31.64 -1.90
C THR A 317 -16.84 -31.74 -0.67
N ASP A 318 -16.31 -32.34 0.39
CA ASP A 318 -17.07 -32.58 1.60
C ASP A 318 -16.65 -31.80 2.82
N THR A 319 -17.60 -31.54 3.69
CA THR A 319 -17.29 -30.85 4.92
C THR A 319 -16.21 -31.63 5.64
N ILE A 320 -15.70 -31.03 6.70
CA ILE A 320 -14.49 -31.46 7.37
C ILE A 320 -14.70 -32.58 8.40
N TYR A 321 -15.81 -32.56 9.14
CA TYR A 321 -16.15 -33.70 10.00
C TYR A 321 -17.23 -34.58 9.36
N ALA A 322 -17.27 -34.58 8.03
CA ALA A 322 -18.26 -35.35 7.30
C ALA A 322 -18.11 -36.85 7.59
N GLU A 327 -23.95 -33.90 0.92
CA GLU A 327 -24.31 -32.47 0.94
C GLU A 327 -24.56 -31.97 2.38
N CYS A 328 -24.15 -30.72 2.65
CA CYS A 328 -24.28 -30.02 3.96
C CYS A 328 -24.88 -28.62 3.82
N SER A 329 -25.75 -28.22 4.76
CA SER A 329 -26.39 -26.88 4.74
C SER A 329 -25.98 -25.93 5.87
N GLN A 330 -25.84 -26.51 7.08
CA GLN A 330 -25.71 -25.76 8.34
C GLN A 330 -24.31 -25.79 8.89
N ASN A 331 -23.72 -24.62 9.13
CA ASN A 331 -22.36 -24.49 9.67
C ASN A 331 -21.31 -25.47 9.10
N CYS A 332 -21.21 -25.53 7.78
CA CYS A 332 -20.26 -26.41 7.09
C CYS A 332 -18.85 -25.79 7.08
N VAL A 333 -17.81 -26.62 7.24
CA VAL A 333 -16.42 -26.16 7.19
C VAL A 333 -15.74 -27.04 6.16
N TYR A 334 -15.17 -26.45 5.10
CA TYR A 334 -14.41 -27.23 4.11
C TYR A 334 -12.91 -26.87 4.13
N ALA A 335 -12.04 -27.90 4.18
CA ALA A 335 -10.60 -27.70 4.05
C ALA A 335 -10.36 -27.51 2.56
N LEU A 336 -9.11 -27.18 2.15
CA LEU A 336 -8.74 -27.00 0.76
C LEU A 336 -7.67 -27.97 0.31
N LYS A 337 -7.57 -28.15 -1.01
CA LYS A 337 -6.65 -29.08 -1.51
C LYS A 337 -6.13 -28.65 -2.84
N LEU A 338 -5.24 -29.49 -3.38
CA LEU A 338 -4.63 -29.16 -4.66
C LEU A 338 -5.07 -30.15 -5.76
N GLN A 339 -5.14 -29.65 -7.00
CA GLN A 339 -5.34 -30.57 -8.16
C GLN A 339 -4.42 -30.24 -9.29
N SER A 340 -3.87 -31.26 -9.95
CA SER A 340 -2.85 -30.94 -10.93
C SER A 340 -3.50 -30.56 -12.26
N ASN A 341 -4.77 -30.91 -12.45
CA ASN A 341 -5.49 -30.53 -13.66
C ASN A 341 -5.99 -29.07 -13.64
N LEU A 342 -5.38 -28.23 -14.48
CA LEU A 342 -5.70 -26.82 -14.51
C LEU A 342 -6.93 -26.64 -15.42
N GLY A 343 -7.83 -25.74 -15.12
CA GLY A 343 -9.06 -25.63 -15.93
C GLY A 343 -10.04 -24.80 -15.14
N ASN A 344 -11.12 -24.40 -15.80
CA ASN A 344 -12.20 -23.68 -15.13
C ASN A 344 -13.13 -24.67 -14.46
N TYR A 345 -12.92 -24.86 -13.16
CA TYR A 345 -13.81 -25.68 -12.39
C TYR A 345 -14.45 -24.83 -11.32
N GLY A 346 -15.76 -24.89 -11.20
CA GLY A 346 -16.47 -24.09 -10.23
C GLY A 346 -15.88 -24.25 -8.85
N ILE A 347 -15.47 -25.46 -8.51
CA ILE A 347 -14.98 -25.75 -7.16
C ILE A 347 -13.64 -25.04 -6.88
N GLY A 348 -13.01 -24.55 -7.93
CA GLY A 348 -11.78 -23.80 -7.78
C GLY A 348 -11.95 -22.32 -8.09
N ILE A 349 -13.19 -21.87 -8.27
CA ILE A 349 -13.46 -20.45 -8.51
C ILE A 349 -13.71 -19.73 -7.18
N PHE A 350 -12.95 -18.66 -6.93
CA PHE A 350 -13.15 -17.84 -5.75
C PHE A 350 -13.41 -16.39 -6.17
N SER A 351 -13.78 -15.56 -5.19
CA SER A 351 -13.98 -14.17 -5.51
CA SER A 351 -13.96 -14.18 -5.51
C SER A 351 -13.35 -13.43 -4.36
N ILE A 352 -12.85 -12.23 -4.66
CA ILE A 352 -12.00 -11.50 -3.72
C ILE A 352 -12.53 -10.08 -3.52
N LYS A 353 -12.62 -9.67 -2.26
CA LYS A 353 -13.18 -8.35 -1.94
C LYS A 353 -12.39 -7.57 -0.93
N ASN A 354 -12.32 -6.27 -1.19
CA ASN A 354 -11.67 -5.36 -0.29
C ASN A 354 -12.45 -5.26 1.01
N ILE A 355 -11.74 -4.84 2.04
CA ILE A 355 -12.32 -4.61 3.34
C ILE A 355 -11.57 -3.39 3.83
N VAL A 356 -12.23 -2.56 4.60
CA VAL A 356 -11.69 -1.25 4.96
C VAL A 356 -11.39 -1.13 6.45
N LYS A 358 -10.16 0.84 8.95
CA LYS A 358 -8.88 1.53 8.90
C LYS A 358 -7.83 0.65 8.25
N ASN A 359 -7.73 -0.56 8.80
CA ASN A 359 -6.70 -1.51 8.39
C ASN A 359 -7.07 -2.23 7.11
N LYS A 360 -6.41 -1.82 6.04
CA LYS A 360 -6.62 -2.37 4.71
C LYS A 360 -5.30 -2.87 4.16
N TYR A 361 -5.29 -3.14 2.86
CA TYR A 361 -4.20 -3.86 2.20
C TYR A 361 -4.34 -5.33 2.58
N CYS A 362 -5.54 -5.69 2.97
N CYS A 362 -5.52 -5.74 2.95
CA CYS A 362 -5.90 -7.08 3.19
CA CYS A 362 -5.89 -7.13 3.17
C CYS A 362 -7.25 -7.30 2.53
C CYS A 362 -7.23 -7.36 2.51
N SER A 363 -7.58 -8.56 2.33
CA SER A 363 -8.75 -8.88 1.55
C SER A 363 -9.48 -10.09 2.12
N GLN A 364 -10.72 -10.27 1.70
CA GLN A 364 -11.48 -11.47 2.06
C GLN A 364 -11.74 -12.26 0.80
N ILE A 365 -11.85 -13.58 0.95
CA ILE A 365 -12.04 -14.46 -0.20
C ILE A 365 -13.16 -15.36 0.03
N PHE A 366 -13.90 -15.50 -1.03
CA PHE A 366 -15.14 -16.23 -0.92
C PHE A 366 -15.25 -17.28 -2.01
N SER A 367 -16.14 -18.26 -1.79
CA SER A 367 -16.51 -19.16 -2.88
C SER A 367 -18.03 -19.31 -2.87
N SER A 368 -18.64 -19.46 -4.04
CA SER A 368 -20.10 -19.65 -4.09
C SER A 368 -20.41 -20.96 -4.78
N PHE A 369 -19.43 -21.88 -4.84
CA PHE A 369 -19.62 -23.20 -5.43
C PHE A 369 -20.51 -24.01 -4.48
N ARG A 370 -21.74 -24.33 -4.93
CA ARG A 370 -22.71 -25.13 -4.14
C ARG A 370 -23.24 -24.49 -2.85
N GLU A 371 -22.36 -23.94 -2.02
CA GLU A 371 -22.75 -23.23 -0.80
C GLU A 371 -21.93 -21.97 -0.77
N ASN A 372 -22.43 -20.92 -0.11
CA ASN A 372 -21.65 -19.70 -0.01
C ASN A 372 -20.72 -19.80 1.17
N THR A 373 -19.41 -19.67 0.92
CA THR A 373 -18.41 -19.77 2.03
C THR A 373 -17.48 -18.58 2.02
N MET A 374 -16.81 -18.35 3.14
CA MET A 374 -15.69 -17.38 3.19
C MET A 374 -14.45 -18.14 3.67
N LEU A 375 -13.29 -17.82 3.12
CA LEU A 375 -12.04 -18.40 3.60
C LEU A 375 -11.59 -17.74 4.90
N LEU A 376 -11.23 -18.56 5.87
CA LEU A 376 -10.61 -18.08 7.10
C LEU A 376 -9.63 -19.11 7.61
N ALA A 377 -8.85 -18.74 8.62
CA ALA A 377 -7.88 -19.65 9.20
C ALA A 377 -8.11 -19.82 10.69
N ASP A 378 -8.06 -21.06 11.15
CA ASP A 378 -8.19 -21.37 12.55
C ASP A 378 -7.71 -22.80 12.74
N ILE A 379 -7.80 -23.30 13.96
CA ILE A 379 -7.30 -24.63 14.25
C ILE A 379 -8.37 -25.67 14.03
N TYR A 380 -8.03 -26.68 13.24
CA TYR A 380 -8.97 -27.72 12.90
C TYR A 380 -8.26 -29.07 12.82
N LYS A 381 -9.06 -30.11 12.62
CA LYS A 381 -8.55 -31.44 12.32
C LYS A 381 -8.96 -31.74 10.88
N PRO A 382 -8.10 -31.37 9.94
CA PRO A 382 -8.45 -31.37 8.52
C PRO A 382 -8.17 -32.68 7.79
N TRP A 383 -7.52 -33.64 8.45
CA TRP A 383 -7.19 -34.91 7.81
C TRP A 383 -8.22 -35.99 8.11
N ARG A 384 -8.72 -36.63 7.06
CA ARG A 384 -9.74 -37.67 7.21
C ARG A 384 -9.25 -38.82 8.10
N PHE A 385 -8.00 -39.21 7.94
CA PHE A 385 -7.48 -40.38 8.62
C PHE A 385 -6.57 -40.06 9.81
N SER A 386 -6.89 -38.97 10.51
CA SER A 386 -6.08 -38.51 11.62
C SER A 386 -6.84 -37.55 12.51
N PHE A 387 -6.44 -37.44 13.78
CA PHE A 387 -7.04 -36.48 14.70
C PHE A 387 -6.05 -35.36 14.99
N LYS A 388 -5.03 -35.28 14.14
CA LYS A 388 -4.00 -34.26 14.25
C LYS A 388 -4.56 -32.87 14.00
N ASN A 389 -4.16 -31.91 14.82
CA ASN A 389 -4.57 -30.53 14.63
C ASN A 389 -3.68 -29.81 13.63
N ALA A 390 -4.20 -28.71 13.09
CA ALA A 390 -3.43 -27.88 12.18
C ALA A 390 -4.08 -26.51 12.04
N TYR A 391 -3.24 -25.51 11.83
CA TYR A 391 -3.73 -24.21 11.41
C TYR A 391 -4.14 -24.39 9.98
N THR A 392 -5.43 -24.30 9.75
CA THR A 392 -5.99 -24.69 8.49
C THR A 392 -6.79 -23.61 7.82
N PRO A 393 -6.45 -23.29 6.60
CA PRO A 393 -7.34 -22.39 5.83
C PRO A 393 -8.58 -23.16 5.41
N VAL A 394 -9.75 -22.63 5.73
CA VAL A 394 -11.01 -23.39 5.47
C VAL A 394 -12.06 -22.43 4.89
N ALA A 395 -13.01 -23.00 4.17
CA ALA A 395 -14.13 -22.26 3.61
C ALA A 395 -15.32 -22.62 4.49
N VAL A 396 -15.88 -21.63 5.22
CA VAL A 396 -16.98 -21.85 6.19
C VAL A 396 -18.28 -21.22 5.72
N THR A 397 -19.42 -21.86 5.92
CA THR A 397 -20.73 -21.23 5.57
C THR A 397 -21.18 -20.42 6.77
N ASN A 398 -22.29 -19.67 6.66
CA ASN A 398 -22.84 -18.95 7.83
C ASN A 398 -21.78 -18.09 8.49
N TYR A 399 -21.14 -17.28 7.66
CA TYR A 399 -19.97 -16.56 8.14
C TYR A 399 -20.28 -15.13 8.43
N GLU A 400 -21.56 -14.77 8.48
CA GLU A 400 -21.91 -13.34 8.68
C GLU A 400 -21.26 -12.75 9.94
N THR A 401 -21.22 -13.51 11.01
CA THR A 401 -20.64 -12.98 12.24
C THR A 401 -19.10 -13.00 12.25
N LYS A 402 -18.50 -13.46 11.17
CA LYS A 402 -17.05 -13.56 11.09
C LYS A 402 -16.51 -12.54 10.08
N LEU A 403 -17.41 -11.74 9.53
CA LEU A 403 -17.06 -10.79 8.49
C LEU A 403 -16.05 -9.73 8.94
N LEU A 404 -15.88 -9.59 10.24
CA LEU A 404 -14.93 -8.62 10.77
C LEU A 404 -13.84 -9.28 11.61
N SER A 405 -13.81 -10.60 11.57
CA SER A 405 -12.78 -11.37 12.24
C SER A 405 -11.49 -11.32 11.43
N THR A 406 -10.37 -11.04 12.11
CA THR A 406 -9.08 -10.94 11.44
C THR A 406 -8.67 -12.29 10.85
N SER A 407 -9.31 -13.35 11.32
CA SER A 407 -9.04 -14.69 10.81
C SER A 407 -9.50 -14.80 9.36
N SER A 408 -10.24 -13.80 8.91
CA SER A 408 -10.79 -13.81 7.56
C SER A 408 -10.04 -12.87 6.61
N PHE A 409 -9.04 -12.17 7.12
CA PHE A 409 -8.26 -11.24 6.31
C PHE A 409 -7.02 -11.93 5.72
N TRP A 410 -6.79 -11.70 4.43
CA TRP A 410 -5.63 -12.27 3.75
C TRP A 410 -4.78 -11.18 3.12
N LYS A 411 -3.46 -11.37 3.17
CA LYS A 411 -2.53 -10.43 2.55
C LYS A 411 -1.77 -11.14 1.43
N PHE A 412 -1.38 -10.38 0.41
CA PHE A 412 -0.63 -10.95 -0.71
C PHE A 412 0.73 -10.29 -0.85
N ILE A 413 1.76 -11.00 -0.39
CA ILE A 413 3.12 -10.49 -0.44
C ILE A 413 3.79 -10.78 -1.78
N SER A 414 3.99 -9.73 -2.57
CA SER A 414 4.69 -9.85 -3.83
C SER A 414 6.16 -9.52 -3.61
N ARG A 415 7.03 -10.13 -4.40
CA ARG A 415 8.43 -9.75 -4.38
C ARG A 415 8.50 -8.37 -4.98
N ASP A 416 8.88 -7.40 -4.20
CA ASP A 416 8.74 -6.01 -4.61
C ASP A 416 10.16 -5.43 -4.55
N PRO A 417 10.52 -4.50 -5.45
CA PRO A 417 11.84 -3.91 -5.48
C PRO A 417 12.22 -3.18 -4.23
N GLY A 418 11.24 -2.73 -3.42
CA GLY A 418 11.56 -1.95 -2.22
C GLY A 418 11.78 -2.88 -1.03
N TRP A 419 11.80 -4.18 -1.26
CA TRP A 419 12.04 -5.11 -0.15
C TRP A 419 12.84 -6.30 -0.68
N VAL A 420 14.16 -6.24 -0.51
CA VAL A 420 15.07 -7.25 -1.11
C VAL A 420 15.58 -8.17 -0.01
N GLU A 421 15.55 -9.46 -0.28
CA GLU A 421 15.90 -10.47 0.70
C GLU A 421 17.07 -11.29 0.15
N PRO A 422 18.04 -11.65 1.02
CA PRO A 422 19.25 -12.29 0.47
C PRO A 422 18.93 -13.57 -0.33
N PRO A 423 19.76 -13.86 -1.35
CA PRO A 423 19.42 -14.94 -2.29
C PRO A 423 19.84 -16.33 -1.77
#